data_2OYU
#
_entry.id   2OYU
#
_cell.length_a   181.410
_cell.length_b   181.410
_cell.length_c   103.398
_cell.angle_alpha   90.000
_cell.angle_beta   90.000
_cell.angle_gamma   120.000
#
_symmetry.space_group_name_H-M   'P 65 2 2'
#
loop_
_entity.id
_entity.type
_entity.pdbx_description
1 polymer 'Prostaglandin G/H synthase 1'
2 branched 2-acetamido-2-deoxy-beta-D-glucopyranose-(1-4)-2-acetamido-2-deoxy-beta-D-glucopyranose
3 branched beta-D-mannopyranose-(1-4)-2-acetamido-2-deoxy-beta-D-glucopyranose-(1-4)-2-acetamido-2-deoxy-beta-D-glucopyranose
4 non-polymer 'octyl beta-D-glucopyranoside'
5 non-polymer 2-[1-(4-CHLOROBENZOYL)-5-METHOXY-2-METHYL-1H-INDOL-3-YL]-N-[(1S)-1-(HYDROXYMETHYL)PROPYL]ACETAMIDE
6 non-polymer 'PROTOPORPHYRIN IX CONTAINING FE'
7 water water
#
_entity_poly.entity_id   1
_entity_poly.type   'polypeptide(L)'
_entity_poly.pdbx_seq_one_letter_code
;MSRQSISLRFPLLLLLLSPSPVFSADPGAPAPVNPCCYYPCQHQGICVRFGLDRYQCDCTRTGYSGPNCTIPEIWTWLRT
TLRPSPSFIHFLLTHGRWLWDFVNATFIRDTLMRLVLTVRSNLIPSPPTYNIAHDYISWESFSNVSYYTRILPSVPRDCP
TPMGTKGKKQLPDAEFLSRRFLLRRKFIPDPQGTNLMFAFFAQHFTHQFFKTSGKMGPGFTKALGHGVDLGHIYGDNLER
QYQLRLFKDGKLKYQMLNGEVYPPSVEEAPVLMHYPRGIPPQSQMAVGQEVFGLLPGLMLYATIWLREHNRVCDLLKAEH
PTWGDEQLFQTARLILIGETIKIVIEEYVQQLSGYFLQLKFDPELLFGAQFQYRNRIAMEFNQLYHWHPLMPDSFRVGPQ
DYSYEQFLFNTSMLVDYGVEALVDAFSRQPAGRIGGGRNIDHHILHVAVDVIKESRVLRLQPFNEYRKRFGMKPYTSFQE
LTGEKEMAAELEELYGDIDALEFYPGLLLEKCHPNSIFGESMIEMGAPFSLKGLLGNPICSPEYWKASTFGGEVGFNLVK
TATLKKLVCLNTKTCPYVSFHVPDPRQEDRPGVERPPTEL
;
_entity_poly.pdbx_strand_id   P
#
loop_
_chem_comp.id
_chem_comp.type
_chem_comp.name
_chem_comp.formula
BMA D-saccharide, beta linking beta-D-mannopyranose 'C6 H12 O6'
BOG D-saccharide 'octyl beta-D-glucopyranoside' 'C14 H28 O6'
HEM non-polymer 'PROTOPORPHYRIN IX CONTAINING FE' 'C34 H32 Fe N4 O4'
IMS non-polymer 2-[1-(4-CHLOROBENZOYL)-5-METHOXY-2-METHYL-1H-INDOL-3-YL]-N-[(1S)-1-(HYDROXYMETHYL)PROPYL]ACETAMIDE 'C23 H25 Cl N2 O4'
NAG D-saccharide, beta linking 2-acetamido-2-deoxy-beta-D-glucopyranose 'C8 H15 N O6'
#
# COMPACT_ATOMS: atom_id res chain seq x y z
N PRO A 32 -17.55 34.62 -12.94
CA PRO A 32 -16.89 34.80 -11.64
C PRO A 32 -15.97 33.62 -11.29
N VAL A 33 -15.66 33.47 -10.00
CA VAL A 33 -14.88 32.32 -9.49
C VAL A 33 -15.80 31.12 -9.30
N ASN A 34 -15.37 29.94 -9.73
CA ASN A 34 -16.09 28.71 -9.37
C ASN A 34 -16.15 28.65 -7.86
N PRO A 35 -17.36 28.69 -7.29
CA PRO A 35 -17.48 28.72 -5.86
C PRO A 35 -16.77 27.54 -5.20
N CYS A 36 -16.72 26.39 -5.87
CA CYS A 36 -16.14 25.19 -5.25
C CYS A 36 -14.63 25.25 -5.02
N CYS A 37 -13.99 26.30 -5.53
CA CYS A 37 -12.55 26.46 -5.38
C CYS A 37 -12.18 26.87 -3.96
N TYR A 38 -13.18 27.20 -3.15
CA TYR A 38 -12.92 27.53 -1.76
C TYR A 38 -13.04 26.31 -0.84
N TYR A 39 -13.53 25.21 -1.41
CA TYR A 39 -13.87 23.98 -0.69
C TYR A 39 -14.72 24.28 0.52
N PRO A 40 -15.94 24.80 0.28
CA PRO A 40 -16.71 25.36 1.39
C PRO A 40 -17.37 24.26 2.23
N CYS A 41 -17.72 23.16 1.58
CA CYS A 41 -18.49 22.13 2.21
C CYS A 41 -17.55 21.30 3.06
N GLN A 42 -17.91 21.19 4.33
CA GLN A 42 -17.12 20.51 5.33
C GLN A 42 -17.57 19.07 5.55
N HIS A 43 -16.82 18.37 6.38
CA HIS A 43 -17.22 17.08 6.90
C HIS A 43 -17.88 16.17 5.90
N GLN A 44 -17.29 16.14 4.70
CA GLN A 44 -17.69 15.27 3.58
C GLN A 44 -18.91 15.68 2.76
N GLY A 45 -19.51 16.83 3.10
CA GLY A 45 -20.55 17.47 2.27
C GLY A 45 -20.08 17.72 0.85
N ILE A 46 -20.95 17.48 -0.13
CA ILE A 46 -20.59 17.56 -1.56
C ILE A 46 -20.92 18.92 -2.21
N CYS A 47 -19.89 19.65 -2.63
CA CYS A 47 -20.07 20.94 -3.31
C CYS A 47 -20.70 20.73 -4.68
N VAL A 48 -21.78 21.48 -4.93
CA VAL A 48 -22.46 21.41 -6.23
C VAL A 48 -22.77 22.80 -6.76
N ARG A 49 -22.23 23.10 -7.94
CA ARG A 49 -22.42 24.37 -8.62
C ARG A 49 -23.88 24.53 -9.06
N PHE A 50 -24.44 25.71 -8.84
CA PHE A 50 -25.80 26.00 -9.25
C PHE A 50 -25.85 27.32 -9.99
N GLY A 51 -26.83 27.46 -10.87
CA GLY A 51 -26.96 28.67 -11.69
C GLY A 51 -25.62 29.13 -12.25
N LEU A 52 -25.46 30.45 -12.37
CA LEU A 52 -24.24 31.02 -12.95
C LEU A 52 -23.04 31.01 -12.02
N ASP A 53 -23.29 31.05 -10.71
CA ASP A 53 -22.26 31.42 -9.75
C ASP A 53 -22.60 31.06 -8.31
N ARG A 54 -23.49 30.10 -8.12
CA ARG A 54 -23.85 29.70 -6.76
C ARG A 54 -23.40 28.28 -6.50
N TYR A 55 -23.40 27.89 -5.24
CA TYR A 55 -23.14 26.52 -4.88
C TYR A 55 -24.13 26.05 -3.82
N GLN A 56 -24.19 24.73 -3.61
CA GLN A 56 -24.89 24.16 -2.47
C GLN A 56 -24.14 22.93 -1.98
N CYS A 57 -24.23 22.66 -0.67
CA CYS A 57 -23.63 21.45 -0.11
C CYS A 57 -24.65 20.34 0.07
N ASP A 58 -24.23 19.10 -0.20
CA ASP A 58 -25.07 17.95 0.11
C ASP A 58 -24.61 17.28 1.42
N CYS A 59 -25.24 17.69 2.52
CA CYS A 59 -24.86 17.25 3.85
C CYS A 59 -25.53 15.92 4.24
N THR A 60 -26.24 15.32 3.30
CA THR A 60 -26.89 14.04 3.54
C THR A 60 -25.92 13.13 4.25
N ARG A 61 -26.33 12.66 5.43
CA ARG A 61 -25.61 11.63 6.18
C ARG A 61 -24.17 12.02 6.59
N THR A 62 -23.93 13.32 6.80
CA THR A 62 -22.61 13.77 7.23
C THR A 62 -22.59 13.95 8.75
N GLY A 63 -23.76 13.92 9.36
CA GLY A 63 -23.90 14.17 10.78
C GLY A 63 -23.88 15.65 11.05
N TYR A 64 -23.83 16.44 9.99
CA TYR A 64 -23.87 17.90 10.06
C TYR A 64 -24.95 18.42 9.14
N SER A 65 -25.53 19.54 9.51
CA SER A 65 -26.48 20.26 8.66
C SER A 65 -26.03 21.71 8.59
N GLY A 66 -26.84 22.56 7.95
CA GLY A 66 -26.49 23.96 7.72
C GLY A 66 -25.84 24.19 6.37
N PRO A 67 -25.66 25.47 5.98
CA PRO A 67 -25.20 25.89 4.66
C PRO A 67 -23.93 25.16 4.17
N ASN A 68 -22.96 24.94 5.06
CA ASN A 68 -21.69 24.32 4.69
C ASN A 68 -21.42 22.94 5.28
N CYS A 69 -22.38 22.44 6.08
CA CYS A 69 -22.26 21.22 6.88
C CYS A 69 -21.27 21.43 8.01
N THR A 70 -21.62 22.33 8.91
CA THR A 70 -20.81 22.64 10.05
C THR A 70 -21.62 22.76 11.34
N ILE A 71 -22.95 22.66 11.23
CA ILE A 71 -23.79 22.57 12.43
C ILE A 71 -23.99 21.10 12.77
N PRO A 72 -23.35 20.62 13.84
CA PRO A 72 -23.33 19.20 14.21
C PRO A 72 -24.67 18.68 14.71
N GLU A 73 -24.91 17.38 14.47
CA GLU A 73 -26.10 16.67 14.93
C GLU A 73 -25.89 16.36 16.42
N ILE A 74 -26.96 15.98 17.10
CA ILE A 74 -26.89 15.63 18.51
C ILE A 74 -25.72 14.65 18.83
N TRP A 75 -25.64 13.52 18.14
CA TRP A 75 -24.64 12.51 18.49
C TRP A 75 -23.21 12.85 18.03
N THR A 76 -23.07 13.26 16.77
CA THR A 76 -21.80 13.80 16.23
C THR A 76 -21.07 14.66 17.25
N TRP A 77 -21.77 15.67 17.75
CA TRP A 77 -21.26 16.57 18.76
C TRP A 77 -20.77 15.85 20.02
N LEU A 78 -21.46 14.76 20.42
CA LEU A 78 -20.99 13.96 21.55
C LEU A 78 -19.70 13.23 21.20
N ARG A 79 -19.64 12.71 19.98
CA ARG A 79 -18.45 12.01 19.50
C ARG A 79 -17.23 12.92 19.45
N THR A 80 -17.36 14.05 18.74
CA THR A 80 -16.31 15.07 18.60
C THR A 80 -15.70 15.55 19.94
N THR A 81 -16.54 15.89 20.91
CA THR A 81 -16.06 16.26 22.24
C THR A 81 -15.25 15.10 22.83
N LEU A 82 -15.86 13.92 22.81
CA LEU A 82 -15.27 12.71 23.38
C LEU A 82 -14.24 11.99 22.48
N ARG A 83 -13.91 12.56 21.32
CA ARG A 83 -12.84 11.97 20.50
C ARG A 83 -11.48 12.44 21.00
N PRO A 84 -10.60 11.48 21.34
CA PRO A 84 -9.22 11.82 21.65
C PRO A 84 -8.47 12.06 20.35
N SER A 85 -7.27 12.63 20.44
CA SER A 85 -6.46 12.89 19.24
C SER A 85 -5.83 11.61 18.74
N PRO A 86 -5.69 11.49 17.41
CA PRO A 86 -4.85 10.47 16.80
C PRO A 86 -3.52 10.23 17.55
N SER A 87 -2.82 11.29 17.93
CA SER A 87 -1.57 11.18 18.69
C SER A 87 -1.74 10.42 20.02
N PHE A 88 -2.79 10.76 20.75
CA PHE A 88 -3.04 10.18 22.05
C PHE A 88 -3.27 8.68 21.92
N ILE A 89 -4.17 8.30 21.01
CA ILE A 89 -4.43 6.90 20.75
C ILE A 89 -3.12 6.20 20.44
N HIS A 90 -2.30 6.86 19.62
CA HIS A 90 -1.06 6.24 19.17
C HIS A 90 -0.17 5.92 20.33
N PHE A 91 -0.23 6.80 21.33
CA PHE A 91 0.56 6.70 22.52
C PHE A 91 0.05 5.54 23.37
N LEU A 92 -1.27 5.47 23.53
CA LEU A 92 -1.90 4.40 24.30
C LEU A 92 -1.49 3.05 23.74
N LEU A 93 -1.42 2.97 22.41
CA LEU A 93 -1.15 1.71 21.76
C LEU A 93 0.30 1.32 21.86
N THR A 94 1.19 2.30 21.94
CA THR A 94 2.63 2.04 21.93
C THR A 94 3.22 1.96 23.34
N HIS A 95 2.37 1.98 24.34
CA HIS A 95 2.86 2.12 25.70
C HIS A 95 2.21 1.15 26.69
N GLY A 96 2.91 0.87 27.79
CA GLY A 96 2.39 0.05 28.89
C GLY A 96 2.06 -1.39 28.55
N ARG A 97 3.07 -2.18 28.21
CA ARG A 97 2.79 -3.55 27.80
C ARG A 97 2.01 -4.33 28.86
N TRP A 98 2.17 -3.96 30.12
CA TRP A 98 1.46 -4.70 31.15
C TRP A 98 -0.03 -4.80 30.86
N LEU A 99 -0.64 -3.69 30.45
CA LEU A 99 -2.06 -3.64 30.13
C LEU A 99 -2.36 -4.42 28.85
N TRP A 100 -1.42 -4.34 27.90
CA TRP A 100 -1.61 -4.96 26.59
C TRP A 100 -1.39 -6.45 26.59
N ASP A 101 -0.56 -6.93 27.53
CA ASP A 101 -0.28 -8.35 27.66
C ASP A 101 -1.56 -9.03 28.14
N PHE A 102 -2.27 -8.34 29.03
CA PHE A 102 -3.61 -8.72 29.47
C PHE A 102 -4.63 -8.58 28.34
N VAL A 103 -4.72 -7.40 27.73
CA VAL A 103 -5.66 -7.22 26.63
C VAL A 103 -5.51 -8.35 25.60
N ASN A 104 -4.32 -8.49 25.00
CA ASN A 104 -4.04 -9.52 24.00
C ASN A 104 -4.55 -10.90 24.40
N ALA A 105 -4.33 -11.24 25.67
CA ALA A 105 -4.69 -12.52 26.23
C ALA A 105 -6.21 -12.75 26.26
N THR A 106 -6.98 -11.67 26.38
CA THR A 106 -8.43 -11.77 26.41
C THR A 106 -9.08 -11.44 25.07
N PHE A 107 -10.40 -11.31 25.10
CA PHE A 107 -11.22 -11.04 23.91
C PHE A 107 -11.17 -9.58 23.47
N ILE A 108 -10.73 -8.72 24.38
CA ILE A 108 -10.62 -7.31 24.10
C ILE A 108 -9.76 -7.14 22.83
N ARG A 109 -8.81 -8.05 22.68
CA ARG A 109 -8.01 -8.12 21.48
C ARG A 109 -8.89 -8.16 20.24
N ASP A 110 -10.01 -8.86 20.34
CA ASP A 110 -10.91 -8.97 19.19
C ASP A 110 -11.85 -7.77 19.11
N THR A 111 -12.30 -7.31 20.28
CA THR A 111 -13.15 -6.13 20.36
C THR A 111 -12.53 -4.90 19.70
N LEU A 112 -11.24 -4.69 19.93
CA LEU A 112 -10.55 -3.54 19.38
C LEU A 112 -10.26 -3.80 17.93
N MET A 113 -9.85 -5.03 17.64
CA MET A 113 -9.50 -5.38 16.30
C MET A 113 -10.70 -5.10 15.43
N ARG A 114 -11.89 -5.39 15.94
CA ARG A 114 -13.11 -5.09 15.23
C ARG A 114 -13.28 -3.59 15.10
N LEU A 115 -13.03 -2.87 16.18
CA LEU A 115 -13.21 -1.43 16.20
C LEU A 115 -12.29 -0.84 15.14
N VAL A 116 -11.00 -1.17 15.29
CA VAL A 116 -10.00 -0.76 14.32
C VAL A 116 -10.50 -0.96 12.89
N LEU A 117 -11.06 -2.13 12.62
CA LEU A 117 -11.52 -2.51 11.29
C LEU A 117 -12.68 -1.67 10.77
N THR A 118 -13.65 -1.39 11.65
CA THR A 118 -14.89 -0.74 11.20
C THR A 118 -14.75 0.76 11.09
N VAL A 119 -14.17 1.39 12.10
CA VAL A 119 -14.12 2.85 12.11
C VAL A 119 -13.19 3.40 11.00
N ARG A 120 -12.10 2.67 10.81
CA ARG A 120 -11.06 2.97 9.85
C ARG A 120 -11.56 2.75 8.41
N SER A 121 -11.99 1.52 8.10
CA SER A 121 -12.64 1.20 6.83
C SER A 121 -13.63 2.26 6.37
N ASN A 122 -14.51 2.63 7.29
CA ASN A 122 -15.66 3.47 7.01
C ASN A 122 -15.37 4.80 6.34
N LEU A 123 -14.18 5.35 6.55
CA LEU A 123 -13.82 6.64 5.97
C LEU A 123 -13.55 6.62 4.45
N ILE A 124 -13.77 5.47 3.82
CA ILE A 124 -13.48 5.26 2.41
C ILE A 124 -14.78 4.92 1.70
N PRO A 125 -15.07 5.60 0.58
CA PRO A 125 -16.31 5.37 -0.16
C PRO A 125 -16.39 3.96 -0.75
N SER A 126 -17.50 3.28 -0.49
CA SER A 126 -17.75 1.96 -1.01
C SER A 126 -19.27 1.86 -1.23
N PRO A 127 -19.70 1.68 -2.49
CA PRO A 127 -18.91 1.63 -3.71
C PRO A 127 -18.21 2.97 -3.96
N PRO A 128 -17.30 3.02 -4.95
CA PRO A 128 -16.37 4.17 -5.11
C PRO A 128 -17.07 5.44 -5.57
N THR A 129 -16.33 6.54 -5.63
CA THR A 129 -16.91 7.82 -5.99
C THR A 129 -16.40 8.34 -7.33
N TYR A 130 -15.21 8.94 -7.31
CA TYR A 130 -14.75 9.67 -8.47
C TYR A 130 -13.59 8.98 -9.22
N ASN A 131 -13.15 9.62 -10.30
CA ASN A 131 -11.86 9.31 -10.97
C ASN A 131 -11.32 10.52 -11.72
N ILE A 132 -10.25 10.33 -12.49
CA ILE A 132 -9.63 11.46 -13.18
C ILE A 132 -10.55 12.25 -14.13
N ALA A 133 -11.58 11.56 -14.66
CA ALA A 133 -12.53 12.17 -15.60
C ALA A 133 -13.75 12.79 -14.91
N HIS A 134 -14.29 12.12 -13.91
CA HIS A 134 -15.50 12.60 -13.23
C HIS A 134 -15.26 13.02 -11.79
N ASP A 135 -15.64 14.26 -11.49
CA ASP A 135 -15.55 14.78 -10.13
C ASP A 135 -16.93 14.73 -9.49
N TYR A 136 -17.64 13.65 -9.79
CA TYR A 136 -19.02 13.45 -9.39
C TYR A 136 -19.33 11.98 -9.66
N ILE A 137 -20.10 11.35 -8.77
CA ILE A 137 -20.55 9.98 -8.99
C ILE A 137 -21.17 9.87 -10.38
N SER A 138 -20.90 8.75 -11.04
CA SER A 138 -21.40 8.49 -12.38
C SER A 138 -21.42 6.99 -12.61
N TRP A 139 -22.18 6.53 -13.61
CA TRP A 139 -22.14 5.13 -13.96
C TRP A 139 -20.79 4.71 -14.52
N GLU A 140 -20.18 5.58 -15.31
CA GLU A 140 -18.90 5.28 -15.93
C GLU A 140 -17.83 5.12 -14.86
N SER A 141 -17.70 6.12 -14.00
CA SER A 141 -16.81 6.05 -12.85
C SER A 141 -17.09 4.83 -11.97
N PHE A 142 -18.36 4.45 -11.81
CA PHE A 142 -18.65 3.20 -11.08
C PHE A 142 -18.18 1.95 -11.80
N SER A 143 -18.33 1.90 -13.12
CA SER A 143 -18.18 0.65 -13.85
C SER A 143 -16.91 0.47 -14.70
N ASN A 144 -16.21 1.56 -15.04
CA ASN A 144 -15.00 1.44 -15.85
C ASN A 144 -13.83 1.14 -14.92
N VAL A 145 -13.58 -0.14 -14.69
CA VAL A 145 -12.60 -0.58 -13.71
C VAL A 145 -11.15 -0.24 -14.10
N SER A 146 -10.98 0.55 -15.16
CA SER A 146 -9.65 0.90 -15.66
C SER A 146 -9.08 2.14 -14.98
N TYR A 147 -9.89 2.75 -14.11
CA TYR A 147 -9.43 3.93 -13.42
C TYR A 147 -9.07 3.59 -12.00
N TYR A 148 -8.09 4.32 -11.47
CA TYR A 148 -8.02 4.50 -10.03
C TYR A 148 -9.25 5.31 -9.62
N THR A 149 -9.64 5.25 -8.37
CA THR A 149 -10.64 6.20 -7.90
C THR A 149 -9.92 7.35 -7.22
N ARG A 150 -10.69 8.24 -6.58
CA ARG A 150 -10.11 9.34 -5.79
C ARG A 150 -11.06 9.68 -4.64
N ILE A 151 -10.51 10.19 -3.55
CA ILE A 151 -11.29 10.31 -2.33
C ILE A 151 -11.90 11.69 -2.20
N LEU A 152 -11.13 12.66 -2.65
CA LEU A 152 -11.59 14.02 -2.80
C LEU A 152 -11.58 14.27 -4.30
N PRO A 153 -12.42 15.19 -4.79
CA PRO A 153 -12.38 15.50 -6.22
C PRO A 153 -11.12 16.25 -6.60
N SER A 154 -11.05 16.65 -7.86
CA SER A 154 -9.92 17.45 -8.35
C SER A 154 -10.09 18.90 -7.92
N VAL A 155 -9.01 19.65 -8.04
CA VAL A 155 -9.10 21.09 -8.01
C VAL A 155 -9.77 21.43 -9.33
N PRO A 156 -10.96 22.07 -9.29
CA PRO A 156 -11.58 22.48 -10.56
C PRO A 156 -10.60 23.20 -11.49
N ARG A 157 -10.66 22.90 -12.79
CA ARG A 157 -9.72 23.45 -13.83
C ARG A 157 -9.70 24.98 -13.92
N ASP A 158 -10.75 25.58 -13.38
CA ASP A 158 -11.10 26.97 -13.56
C ASP A 158 -10.73 27.83 -12.35
N CYS A 159 -10.03 27.25 -11.38
CA CYS A 159 -9.66 27.98 -10.17
C CYS A 159 -8.52 28.96 -10.45
N PRO A 160 -8.43 30.04 -9.65
CA PRO A 160 -7.37 31.05 -9.75
C PRO A 160 -5.97 30.48 -9.51
N THR A 161 -5.64 30.13 -8.28
CA THR A 161 -4.36 29.47 -8.00
C THR A 161 -4.50 28.02 -8.46
N PRO A 162 -3.37 27.37 -8.79
CA PRO A 162 -3.41 26.01 -9.33
C PRO A 162 -3.86 24.94 -8.32
N MET A 163 -4.05 25.36 -7.06
CA MET A 163 -4.53 24.43 -6.03
C MET A 163 -5.71 24.94 -5.19
N GLY A 164 -6.48 25.85 -5.75
CA GLY A 164 -7.70 26.30 -5.10
C GLY A 164 -7.82 27.80 -5.15
N THR A 165 -7.47 28.45 -4.04
CA THR A 165 -7.60 29.91 -3.94
C THR A 165 -6.35 30.57 -3.36
N LYS A 166 -5.46 29.76 -2.76
CA LYS A 166 -4.21 30.28 -2.15
C LYS A 166 -2.92 29.66 -2.71
N GLY A 167 -1.79 30.29 -2.38
CA GLY A 167 -0.48 29.95 -2.93
C GLY A 167 -0.13 30.92 -4.03
N LYS A 168 1.05 30.78 -4.63
CA LYS A 168 1.41 31.57 -5.81
C LYS A 168 0.74 30.96 -7.06
N LYS A 169 1.00 31.57 -8.22
CA LYS A 169 0.54 31.00 -9.49
C LYS A 169 1.35 29.73 -9.79
N GLN A 170 2.66 29.87 -9.99
CA GLN A 170 3.52 28.69 -10.17
C GLN A 170 3.69 27.98 -8.82
N LEU A 171 3.92 26.68 -8.87
CA LEU A 171 4.20 25.89 -7.68
C LEU A 171 5.69 25.56 -7.62
N PRO A 172 6.24 25.36 -6.42
CA PRO A 172 7.63 24.92 -6.23
C PRO A 172 8.11 23.86 -7.24
N ASP A 173 9.23 24.17 -7.90
CA ASP A 173 9.83 23.33 -8.95
C ASP A 173 10.18 21.95 -8.42
N ALA A 174 9.30 20.99 -8.71
CA ALA A 174 9.50 19.57 -8.40
C ALA A 174 10.92 19.19 -8.03
N GLU A 175 11.84 19.38 -8.99
CA GLU A 175 13.25 19.01 -8.86
C GLU A 175 13.89 19.60 -7.60
N PHE A 176 13.77 20.91 -7.46
CA PHE A 176 14.25 21.64 -6.29
C PHE A 176 13.64 21.10 -4.98
N LEU A 177 12.32 20.95 -4.99
CA LEU A 177 11.59 20.53 -3.83
C LEU A 177 12.17 19.22 -3.29
N SER A 178 12.53 18.30 -4.17
CA SER A 178 13.07 17.03 -3.73
C SER A 178 14.52 17.19 -3.32
N ARG A 179 15.32 17.85 -4.17
CA ARG A 179 16.72 18.15 -3.89
C ARG A 179 16.82 18.62 -2.46
N ARG A 180 16.02 19.62 -2.12
CA ARG A 180 16.10 20.33 -0.84
C ARG A 180 15.61 19.57 0.38
N PHE A 181 14.51 18.83 0.24
CA PHE A 181 13.76 18.30 1.38
C PHE A 181 13.60 16.79 1.41
N LEU A 182 13.82 16.13 0.29
CA LEU A 182 13.63 14.69 0.21
C LEU A 182 14.92 13.94 -0.10
N LEU A 183 15.97 14.66 -0.48
CA LEU A 183 17.24 14.01 -0.81
C LEU A 183 18.01 13.61 0.44
N ARG A 184 18.41 12.34 0.49
CA ARG A 184 19.12 11.79 1.62
C ARG A 184 20.42 12.51 1.83
N ARG A 185 20.61 13.03 3.04
CA ARG A 185 21.89 13.59 3.44
C ARG A 185 22.74 12.40 3.84
N LYS A 186 22.68 12.05 5.13
CA LYS A 186 23.16 10.77 5.63
C LYS A 186 21.96 9.84 5.85
N PHE A 187 22.25 8.54 5.92
CA PHE A 187 21.21 7.54 6.13
C PHE A 187 20.59 7.62 7.51
N ILE A 188 19.28 7.84 7.53
CA ILE A 188 18.48 7.82 8.73
C ILE A 188 17.78 6.47 8.78
N PRO A 189 18.22 5.57 9.68
CA PRO A 189 17.56 4.26 9.77
C PRO A 189 16.19 4.38 10.42
N ASP A 190 15.25 3.55 9.98
CA ASP A 190 13.95 3.45 10.64
C ASP A 190 14.12 3.03 12.09
N PRO A 191 13.61 3.86 13.02
CA PRO A 191 13.76 3.67 14.45
C PRO A 191 13.13 2.39 15.00
N GLN A 192 12.32 1.70 14.19
CA GLN A 192 11.55 0.53 14.68
C GLN A 192 12.16 -0.82 14.26
N GLY A 193 13.38 -0.78 13.72
CA GLY A 193 14.07 -2.01 13.31
C GLY A 193 13.64 -2.64 11.99
N THR A 194 12.93 -1.88 11.16
CA THR A 194 12.41 -2.36 9.87
C THR A 194 13.51 -2.66 8.83
N ASN A 195 13.42 -3.83 8.19
CA ASN A 195 14.50 -4.27 7.34
C ASN A 195 14.14 -4.29 5.86
N LEU A 196 15.16 -4.52 5.04
CA LEU A 196 14.99 -4.67 3.59
C LEU A 196 14.15 -5.87 3.23
N MET A 197 14.21 -6.90 4.07
CA MET A 197 13.32 -8.06 3.95
C MET A 197 11.88 -7.59 4.02
N PHE A 198 11.64 -6.53 4.79
CA PHE A 198 10.32 -5.92 4.82
C PHE A 198 10.14 -5.05 3.59
N ALA A 199 11.08 -4.14 3.39
CA ALA A 199 11.01 -3.18 2.29
C ALA A 199 10.54 -3.80 0.97
N PHE A 200 11.18 -4.89 0.56
CA PHE A 200 10.89 -5.55 -0.71
C PHE A 200 9.51 -6.21 -0.71
N PHE A 201 9.17 -6.86 0.40
CA PHE A 201 7.83 -7.38 0.53
C PHE A 201 6.85 -6.24 0.30
N ALA A 202 7.10 -5.11 0.96
CA ALA A 202 6.28 -3.93 0.80
C ALA A 202 6.09 -3.63 -0.67
N GLN A 203 7.19 -3.65 -1.42
CA GLN A 203 7.16 -3.33 -2.86
C GLN A 203 6.46 -4.40 -3.68
N HIS A 204 6.96 -5.63 -3.60
CA HIS A 204 6.34 -6.79 -4.22
C HIS A 204 4.83 -6.66 -4.04
N PHE A 205 4.38 -6.87 -2.81
CA PHE A 205 2.98 -6.86 -2.43
C PHE A 205 2.15 -5.76 -3.09
N THR A 206 2.56 -4.51 -2.88
CA THR A 206 1.84 -3.33 -3.39
C THR A 206 1.73 -3.31 -4.90
N HIS A 207 2.71 -3.91 -5.56
CA HIS A 207 2.77 -3.84 -7.03
C HIS A 207 1.77 -4.78 -7.71
N GLN A 208 1.00 -5.50 -6.90
CA GLN A 208 -0.21 -6.19 -7.36
C GLN A 208 -1.23 -5.21 -7.83
N PHE A 209 -1.41 -4.14 -7.05
CA PHE A 209 -2.50 -3.20 -7.25
C PHE A 209 -2.02 -1.80 -7.58
N PHE A 210 -0.72 -1.61 -7.66
CA PHE A 210 -0.21 -0.44 -8.32
C PHE A 210 0.46 -0.91 -9.60
N LYS A 211 -0.26 -0.73 -10.70
CA LYS A 211 0.27 -1.01 -12.03
C LYS A 211 -0.20 0.14 -12.91
N THR A 212 0.33 1.32 -12.65
CA THR A 212 -0.11 2.51 -13.37
C THR A 212 0.21 2.29 -14.82
N SER A 213 -0.77 2.59 -15.67
CA SER A 213 -0.66 2.30 -17.11
C SER A 213 0.24 3.24 -17.88
N GLY A 214 1.21 2.64 -18.59
CA GLY A 214 1.99 3.37 -19.59
C GLY A 214 1.12 3.99 -20.68
N LYS A 215 0.28 3.17 -21.34
CA LYS A 215 -0.46 3.57 -22.55
C LYS A 215 -1.59 4.57 -22.32
N MET A 216 -2.40 4.31 -21.31
CA MET A 216 -3.54 5.18 -21.03
C MET A 216 -3.12 6.44 -20.25
N GLY A 217 -2.09 6.30 -19.43
CA GLY A 217 -1.47 7.45 -18.81
C GLY A 217 -1.82 7.52 -17.34
N PRO A 218 -1.44 8.62 -16.67
CA PRO A 218 -1.71 8.73 -15.25
C PRO A 218 -3.22 8.74 -15.03
N GLY A 219 -3.65 8.18 -13.89
CA GLY A 219 -5.06 8.09 -13.50
C GLY A 219 -5.64 6.72 -13.81
N PHE A 220 -4.86 5.91 -14.54
CA PHE A 220 -5.33 4.63 -15.07
C PHE A 220 -4.46 3.45 -14.65
N THR A 221 -5.07 2.27 -14.56
CA THR A 221 -4.40 1.07 -14.00
C THR A 221 -4.57 -0.24 -14.80
N LYS A 222 -3.46 -0.93 -15.03
CA LYS A 222 -3.43 -2.27 -15.61
C LYS A 222 -3.93 -3.32 -14.61
N ALA A 223 -3.79 -2.99 -13.33
CA ALA A 223 -4.05 -3.90 -12.24
C ALA A 223 -5.53 -3.83 -11.86
N LEU A 224 -6.36 -4.32 -12.78
CA LEU A 224 -7.76 -4.54 -12.50
C LEU A 224 -7.78 -5.63 -11.44
N GLY A 225 -8.88 -5.79 -10.74
CA GLY A 225 -8.81 -6.66 -9.57
C GLY A 225 -8.66 -5.80 -8.32
N HIS A 226 -7.82 -4.76 -8.45
CA HIS A 226 -7.83 -3.67 -7.49
C HIS A 226 -7.69 -4.14 -6.03
N GLY A 227 -6.84 -5.14 -5.79
CA GLY A 227 -6.70 -5.69 -4.46
C GLY A 227 -5.67 -6.79 -4.36
N VAL A 228 -5.84 -7.67 -3.39
CA VAL A 228 -4.93 -8.78 -3.22
C VAL A 228 -5.46 -9.95 -4.05
N ASP A 229 -5.30 -9.85 -5.37
CA ASP A 229 -5.67 -10.92 -6.30
C ASP A 229 -4.49 -11.82 -6.63
N LEU A 230 -3.30 -11.41 -6.19
CA LEU A 230 -2.01 -12.04 -6.52
C LEU A 230 -1.70 -12.01 -8.02
N GLY A 231 -2.25 -10.99 -8.70
CA GLY A 231 -2.01 -10.76 -10.14
C GLY A 231 -0.59 -10.32 -10.47
N HIS A 232 0.31 -10.50 -9.53
CA HIS A 232 1.73 -10.25 -9.72
C HIS A 232 2.45 -11.58 -9.66
N ILE A 233 1.71 -12.61 -9.31
CA ILE A 233 2.23 -13.96 -9.34
C ILE A 233 1.54 -14.58 -10.52
N TYR A 234 0.25 -14.31 -10.65
CA TYR A 234 -0.52 -14.98 -11.68
C TYR A 234 -0.73 -14.18 -12.94
N GLY A 235 -0.23 -12.95 -12.97
CA GLY A 235 -0.45 -12.11 -14.13
C GLY A 235 -1.76 -11.37 -14.02
N ASP A 236 -1.82 -10.17 -14.61
CA ASP A 236 -3.03 -9.37 -14.63
C ASP A 236 -4.01 -9.76 -15.74
N ASN A 237 -3.65 -10.70 -16.61
CA ASN A 237 -4.61 -11.25 -17.58
C ASN A 237 -4.56 -12.78 -17.77
N LEU A 238 -5.67 -13.35 -18.24
CA LEU A 238 -5.82 -14.80 -18.36
C LEU A 238 -4.87 -15.37 -19.43
N GLU A 239 -4.66 -14.61 -20.50
CA GLU A 239 -3.75 -15.03 -21.54
C GLU A 239 -2.34 -15.20 -20.96
N ARG A 240 -1.93 -14.22 -20.14
CA ARG A 240 -0.63 -14.20 -19.47
C ARG A 240 -0.53 -15.33 -18.45
N GLN A 241 -1.60 -15.52 -17.69
CA GLN A 241 -1.62 -16.51 -16.62
C GLN A 241 -1.49 -17.89 -17.21
N TYR A 242 -2.09 -18.04 -18.39
CA TYR A 242 -2.08 -19.27 -19.15
C TYR A 242 -0.68 -19.62 -19.68
N GLN A 243 0.16 -18.59 -19.89
CA GLN A 243 1.55 -18.84 -20.28
C GLN A 243 2.38 -19.36 -19.12
N LEU A 244 1.94 -19.05 -17.89
CA LEU A 244 2.75 -19.39 -16.74
C LEU A 244 2.40 -20.75 -16.17
N ARG A 245 1.15 -21.16 -16.38
CA ARG A 245 0.66 -22.41 -15.81
C ARG A 245 1.30 -23.61 -16.52
N LEU A 246 1.77 -24.55 -15.72
CA LEU A 246 2.32 -25.81 -16.22
C LEU A 246 1.21 -26.69 -16.78
N PHE A 247 -0.03 -26.44 -16.34
CA PHE A 247 -1.22 -27.21 -16.72
C PHE A 247 -1.24 -28.68 -16.30
N LYS A 248 -0.24 -29.09 -15.53
CA LYS A 248 -0.26 -30.39 -14.87
C LYS A 248 -0.32 -30.20 -13.36
N ASP A 249 -1.25 -30.91 -12.72
CA ASP A 249 -1.49 -30.81 -11.28
C ASP A 249 -1.61 -29.36 -10.82
N GLY A 250 -2.01 -28.49 -11.75
CA GLY A 250 -2.30 -27.09 -11.44
C GLY A 250 -1.12 -26.33 -10.92
N LYS A 251 0.07 -26.67 -11.43
CA LYS A 251 1.30 -26.03 -10.98
C LYS A 251 1.68 -24.88 -11.89
N LEU A 252 2.56 -24.02 -11.39
CA LEU A 252 3.13 -22.99 -12.22
C LEU A 252 4.42 -23.53 -12.82
N LYS A 253 4.72 -23.11 -14.04
CA LYS A 253 5.96 -23.50 -14.71
C LYS A 253 7.15 -23.07 -13.88
N TYR A 254 8.27 -23.79 -14.04
CA TYR A 254 9.51 -23.46 -13.35
C TYR A 254 10.76 -24.03 -14.02
N GLN A 255 11.91 -23.72 -13.44
CA GLN A 255 13.18 -24.28 -13.89
C GLN A 255 14.12 -24.65 -12.72
N MET A 256 15.08 -25.54 -13.01
CA MET A 256 15.96 -26.10 -11.98
C MET A 256 17.37 -25.61 -12.16
N LEU A 257 17.79 -24.74 -11.25
CA LEU A 257 19.15 -24.21 -11.31
C LEU A 257 19.88 -24.50 -10.00
N ASN A 258 20.93 -25.34 -10.09
CA ASN A 258 21.71 -25.82 -8.92
C ASN A 258 20.90 -26.70 -7.95
N GLY A 259 19.96 -27.48 -8.49
CA GLY A 259 19.07 -28.30 -7.68
C GLY A 259 18.01 -27.48 -6.97
N GLU A 260 17.88 -26.21 -7.37
CA GLU A 260 16.94 -25.29 -6.76
C GLU A 260 15.86 -24.88 -7.76
N VAL A 261 14.64 -24.73 -7.28
CA VAL A 261 13.48 -24.35 -8.08
C VAL A 261 13.40 -22.83 -8.26
N TYR A 262 13.20 -22.38 -9.49
CA TYR A 262 13.05 -20.95 -9.81
C TYR A 262 12.01 -20.77 -10.90
N PRO A 263 11.50 -19.54 -11.10
CA PRO A 263 10.61 -19.31 -12.23
C PRO A 263 11.24 -19.71 -13.55
N PRO A 264 10.42 -20.11 -14.51
CA PRO A 264 10.94 -20.52 -15.82
C PRO A 264 11.50 -19.35 -16.60
N SER A 265 12.22 -19.64 -17.68
CA SER A 265 12.70 -18.61 -18.58
C SER A 265 11.61 -18.26 -19.57
N VAL A 266 11.76 -17.13 -20.26
CA VAL A 266 10.79 -16.73 -21.31
C VAL A 266 10.86 -17.69 -22.53
N GLU A 267 11.96 -18.42 -22.67
CA GLU A 267 12.05 -19.53 -23.62
C GLU A 267 11.01 -20.63 -23.36
N GLU A 268 10.67 -20.86 -22.10
CA GLU A 268 9.67 -21.88 -21.71
C GLU A 268 8.30 -21.22 -21.37
N ALA A 269 8.30 -19.90 -21.27
CA ALA A 269 7.10 -19.13 -20.90
C ALA A 269 7.07 -17.74 -21.54
N PRO A 270 6.87 -17.68 -22.88
CA PRO A 270 6.87 -16.38 -23.55
C PRO A 270 5.82 -15.48 -22.94
N VAL A 271 6.19 -14.26 -22.57
CA VAL A 271 5.22 -13.30 -21.98
C VAL A 271 5.87 -11.97 -21.64
N LEU A 272 5.18 -10.87 -21.96
CA LEU A 272 5.78 -9.53 -21.87
C LEU A 272 6.42 -9.22 -20.52
N MET A 273 7.74 -9.16 -20.50
CA MET A 273 8.53 -8.82 -19.33
C MET A 273 9.50 -7.71 -19.69
N HIS A 274 9.46 -6.63 -18.94
CA HIS A 274 10.41 -5.53 -19.12
C HIS A 274 11.76 -5.93 -18.50
N TYR A 275 12.78 -5.92 -19.35
CA TYR A 275 14.10 -6.45 -19.05
C TYR A 275 15.07 -5.72 -19.95
N PRO A 276 16.35 -5.63 -19.54
CA PRO A 276 17.39 -5.26 -20.53
C PRO A 276 17.54 -6.32 -21.60
N ARG A 277 17.17 -5.95 -22.82
CA ARG A 277 17.61 -6.65 -24.02
C ARG A 277 19.13 -6.85 -23.87
N GLY A 278 19.62 -8.09 -24.20
CA GLY A 278 21.03 -8.46 -23.95
C GLY A 278 21.26 -9.97 -23.75
N ILE A 279 20.75 -10.52 -22.64
CA ILE A 279 20.50 -11.95 -22.49
C ILE A 279 19.00 -12.14 -22.25
N PRO A 280 18.18 -11.95 -23.29
CA PRO A 280 16.72 -12.18 -23.13
C PRO A 280 16.13 -13.62 -23.28
N PRO A 281 16.97 -14.70 -23.29
CA PRO A 281 16.34 -16.03 -23.26
C PRO A 281 16.42 -16.69 -21.87
N GLN A 282 17.37 -17.61 -21.71
CA GLN A 282 17.74 -18.10 -20.39
C GLN A 282 18.38 -16.93 -19.66
N SER A 283 18.46 -17.02 -18.35
CA SER A 283 18.84 -15.88 -17.50
C SER A 283 17.62 -14.95 -17.32
N GLN A 284 16.89 -14.73 -18.41
CA GLN A 284 15.59 -14.02 -18.40
C GLN A 284 14.52 -14.85 -17.68
N MET A 285 13.66 -14.20 -16.90
CA MET A 285 12.58 -14.90 -16.14
C MET A 285 11.21 -14.20 -16.23
N ALA A 286 10.13 -14.99 -16.12
CA ALA A 286 8.74 -14.48 -16.22
C ALA A 286 7.86 -14.84 -14.98
N VAL A 287 7.04 -13.89 -14.51
CA VAL A 287 6.46 -14.01 -13.18
C VAL A 287 5.02 -13.59 -12.98
N GLY A 288 4.46 -12.78 -13.88
CA GLY A 288 3.06 -12.36 -13.70
C GLY A 288 2.92 -10.87 -13.42
N GLN A 289 4.02 -10.30 -12.90
CA GLN A 289 4.17 -8.86 -12.88
C GLN A 289 5.35 -8.48 -13.79
N GLU A 290 5.04 -7.81 -14.91
CA GLU A 290 6.01 -7.59 -16.00
C GLU A 290 7.21 -6.68 -15.68
N VAL A 291 7.44 -6.44 -14.40
CA VAL A 291 8.43 -5.47 -13.97
C VAL A 291 9.42 -6.05 -12.97
N PHE A 292 9.08 -7.19 -12.39
CA PHE A 292 9.89 -7.80 -11.32
C PHE A 292 11.27 -8.28 -11.79
N GLY A 293 11.43 -8.44 -13.10
CA GLY A 293 12.71 -8.85 -13.68
C GLY A 293 13.86 -7.97 -13.22
N LEU A 294 13.54 -6.73 -12.92
CA LEU A 294 14.51 -5.73 -12.56
C LEU A 294 15.30 -6.03 -11.27
N LEU A 295 14.79 -5.62 -10.10
CA LEU A 295 15.53 -5.78 -8.84
C LEU A 295 15.49 -7.17 -8.23
N PRO A 296 16.68 -7.72 -7.87
CA PRO A 296 16.80 -9.05 -7.27
C PRO A 296 15.81 -9.36 -6.15
N GLY A 297 15.50 -8.38 -5.30
CA GLY A 297 14.56 -8.58 -4.18
C GLY A 297 13.12 -8.85 -4.62
N LEU A 298 12.77 -8.40 -5.83
CA LEU A 298 11.46 -8.64 -6.40
C LEU A 298 11.39 -10.07 -6.83
N MET A 299 12.32 -10.47 -7.71
CA MET A 299 12.41 -11.84 -8.18
C MET A 299 12.51 -12.82 -7.02
N LEU A 300 13.19 -12.40 -5.95
CA LEU A 300 13.28 -13.20 -4.75
C LEU A 300 11.87 -13.58 -4.26
N TYR A 301 11.02 -12.60 -4.02
CA TYR A 301 9.71 -12.91 -3.49
C TYR A 301 8.86 -13.69 -4.50
N ALA A 302 9.07 -13.40 -5.78
CA ALA A 302 8.40 -14.10 -6.86
C ALA A 302 8.72 -15.59 -6.80
N THR A 303 9.96 -15.90 -6.48
CA THR A 303 10.44 -17.26 -6.29
C THR A 303 9.81 -17.88 -5.06
N ILE A 304 9.75 -17.10 -3.99
CA ILE A 304 9.18 -17.60 -2.74
C ILE A 304 7.74 -18.11 -2.93
N TRP A 305 6.93 -17.29 -3.58
CA TRP A 305 5.50 -17.53 -3.73
C TRP A 305 5.20 -18.65 -4.74
N LEU A 306 6.00 -18.70 -5.79
CA LEU A 306 5.89 -19.76 -6.75
C LEU A 306 6.17 -21.10 -6.07
N ARG A 307 7.20 -21.18 -5.25
CA ARG A 307 7.51 -22.42 -4.54
C ARG A 307 6.34 -22.77 -3.65
N GLU A 308 5.66 -21.74 -3.15
CA GLU A 308 4.50 -21.90 -2.29
C GLU A 308 3.34 -22.50 -3.07
N HIS A 309 2.99 -21.86 -4.17
CA HIS A 309 1.95 -22.36 -5.01
C HIS A 309 2.06 -23.89 -5.24
N ASN A 310 3.17 -24.33 -5.80
CA ASN A 310 3.35 -25.74 -6.10
C ASN A 310 3.32 -26.66 -4.87
N ARG A 311 3.93 -26.20 -3.76
CA ARG A 311 3.94 -26.96 -2.50
C ARG A 311 2.53 -27.24 -2.00
N VAL A 312 1.66 -26.25 -2.20
CA VAL A 312 0.26 -26.32 -1.85
C VAL A 312 -0.46 -27.36 -2.72
N CYS A 313 -0.34 -27.21 -4.03
CA CYS A 313 -0.91 -28.16 -4.98
C CYS A 313 -0.62 -29.60 -4.57
N ASP A 314 0.64 -29.85 -4.25
CA ASP A 314 1.10 -31.16 -3.80
C ASP A 314 0.20 -31.70 -2.70
N LEU A 315 -0.10 -30.84 -1.71
CA LEU A 315 -0.96 -31.20 -0.59
C LEU A 315 -2.45 -31.33 -0.95
N LEU A 316 -2.90 -30.61 -1.96
CA LEU A 316 -4.26 -30.82 -2.47
C LEU A 316 -4.40 -32.15 -3.21
N LYS A 317 -3.56 -32.37 -4.23
CA LYS A 317 -3.58 -33.59 -5.05
C LYS A 317 -3.50 -34.84 -4.16
N ALA A 318 -2.79 -34.72 -3.04
CA ALA A 318 -2.78 -35.77 -2.00
C ALA A 318 -4.20 -36.11 -1.56
N GLU A 319 -4.92 -35.07 -1.18
CA GLU A 319 -6.26 -35.19 -0.63
C GLU A 319 -7.26 -35.51 -1.70
N HIS A 320 -7.09 -34.87 -2.86
CA HIS A 320 -8.12 -34.84 -3.88
C HIS A 320 -7.68 -35.43 -5.22
N PRO A 321 -7.44 -36.75 -5.28
CA PRO A 321 -6.95 -37.36 -6.51
C PRO A 321 -7.80 -37.03 -7.73
N THR A 322 -9.11 -36.91 -7.53
CA THR A 322 -10.05 -36.79 -8.65
C THR A 322 -10.05 -35.40 -9.26
N TRP A 323 -9.44 -34.45 -8.56
CA TRP A 323 -9.48 -33.04 -8.96
C TRP A 323 -8.78 -32.73 -10.27
N GLY A 324 -9.39 -31.89 -11.09
CA GLY A 324 -8.78 -31.47 -12.34
C GLY A 324 -7.60 -30.54 -12.10
N ASP A 325 -6.90 -30.18 -13.17
CA ASP A 325 -5.79 -29.24 -13.09
C ASP A 325 -6.31 -27.84 -12.81
N GLU A 326 -7.45 -27.50 -13.40
CA GLU A 326 -8.03 -26.18 -13.23
C GLU A 326 -8.38 -25.93 -11.78
N GLN A 327 -9.01 -26.92 -11.15
CA GLN A 327 -9.43 -26.77 -9.76
C GLN A 327 -8.23 -26.63 -8.84
N LEU A 328 -7.27 -27.53 -8.99
CA LEU A 328 -6.02 -27.47 -8.23
C LEU A 328 -5.35 -26.11 -8.35
N PHE A 329 -5.43 -25.51 -9.54
CA PHE A 329 -4.86 -24.19 -9.72
C PHE A 329 -5.67 -23.12 -8.98
N GLN A 330 -6.95 -22.99 -9.28
CA GLN A 330 -7.77 -21.91 -8.67
C GLN A 330 -7.75 -21.95 -7.16
N THR A 331 -7.71 -23.16 -6.60
CA THR A 331 -7.74 -23.37 -5.16
C THR A 331 -6.41 -23.01 -4.52
N ALA A 332 -5.29 -23.42 -5.13
CA ALA A 332 -3.98 -23.06 -4.59
C ALA A 332 -3.93 -21.55 -4.50
N ARG A 333 -4.39 -20.89 -5.57
CA ARG A 333 -4.46 -19.44 -5.59
C ARG A 333 -5.12 -18.94 -4.29
N LEU A 334 -6.36 -19.33 -4.07
CA LEU A 334 -7.12 -18.84 -2.93
C LEU A 334 -6.37 -19.01 -1.62
N ILE A 335 -5.80 -20.18 -1.37
CA ILE A 335 -4.89 -20.40 -0.21
C ILE A 335 -3.88 -19.24 -0.06
N LEU A 336 -3.07 -19.03 -1.11
CA LEU A 336 -2.02 -18.01 -1.07
C LEU A 336 -2.58 -16.60 -0.87
N ILE A 337 -3.71 -16.28 -1.53
CA ILE A 337 -4.38 -14.99 -1.31
C ILE A 337 -4.70 -14.78 0.16
N GLY A 338 -5.25 -15.83 0.78
CA GLY A 338 -5.57 -15.79 2.20
C GLY A 338 -4.31 -15.71 3.03
N GLU A 339 -3.34 -16.53 2.68
CA GLU A 339 -2.06 -16.55 3.36
C GLU A 339 -1.39 -15.20 3.29
N THR A 340 -1.49 -14.52 2.14
CA THR A 340 -0.89 -13.21 1.98
C THR A 340 -1.46 -12.25 3.04
N ILE A 341 -2.79 -12.21 3.12
CA ILE A 341 -3.51 -11.26 3.93
C ILE A 341 -3.29 -11.50 5.42
N LYS A 342 -3.16 -12.76 5.82
CA LYS A 342 -2.81 -13.02 7.21
C LYS A 342 -1.45 -12.41 7.57
N ILE A 343 -0.42 -12.79 6.82
CA ILE A 343 0.91 -12.26 7.05
C ILE A 343 0.91 -10.73 7.00
N VAL A 344 0.33 -10.17 5.94
CA VAL A 344 0.26 -8.72 5.83
C VAL A 344 -0.27 -8.12 7.11
N ILE A 345 -1.44 -8.55 7.57
CA ILE A 345 -2.05 -7.95 8.73
C ILE A 345 -1.26 -8.26 10.01
N GLU A 346 -1.00 -9.54 10.24
CA GLU A 346 -0.49 -9.94 11.54
C GLU A 346 1.03 -9.86 11.63
N GLU A 347 1.74 -9.84 10.49
CA GLU A 347 3.18 -9.56 10.53
C GLU A 347 3.58 -8.20 9.97
N TYR A 348 3.18 -7.93 8.74
CA TYR A 348 3.51 -6.69 8.06
C TYR A 348 3.08 -5.49 8.91
N VAL A 349 1.77 -5.27 8.99
CA VAL A 349 1.23 -4.06 9.60
C VAL A 349 1.54 -4.05 11.07
N GLN A 350 1.68 -5.24 11.65
CA GLN A 350 2.08 -5.33 13.06
C GLN A 350 3.40 -4.57 13.22
N GLN A 351 4.40 -4.93 12.42
CA GLN A 351 5.75 -4.35 12.52
C GLN A 351 5.78 -2.86 12.23
N LEU A 352 5.04 -2.46 11.22
CA LEU A 352 4.94 -1.06 10.80
C LEU A 352 4.41 -0.24 11.96
N SER A 353 3.33 -0.71 12.56
CA SER A 353 2.63 0.05 13.58
C SER A 353 3.34 0.10 14.92
N GLY A 354 4.30 -0.78 15.17
CA GLY A 354 4.90 -0.88 16.50
C GLY A 354 3.87 -0.95 17.63
N TYR A 355 2.68 -1.50 17.35
CA TYR A 355 1.63 -1.57 18.37
C TYR A 355 1.91 -2.65 19.43
N PHE A 356 1.34 -2.47 20.61
CA PHE A 356 1.37 -3.54 21.58
C PHE A 356 0.11 -4.36 21.48
N LEU A 357 -0.95 -3.75 20.94
CA LEU A 357 -2.12 -4.51 20.58
C LEU A 357 -1.71 -5.44 19.46
N GLN A 358 -1.92 -6.72 19.68
CA GLN A 358 -1.53 -7.72 18.73
C GLN A 358 -2.60 -7.91 17.64
N LEU A 359 -2.32 -7.41 16.43
CA LEU A 359 -3.30 -7.39 15.35
C LEU A 359 -3.70 -8.79 14.99
N LYS A 360 -4.94 -8.93 14.50
CA LYS A 360 -5.52 -10.26 14.33
C LYS A 360 -6.26 -10.34 13.03
N PHE A 361 -5.88 -11.29 12.18
CA PHE A 361 -6.60 -11.47 10.95
C PHE A 361 -7.69 -12.51 11.12
N ASP A 362 -8.93 -12.05 11.10
CA ASP A 362 -10.08 -12.90 11.32
C ASP A 362 -11.37 -12.28 10.75
N PRO A 363 -11.76 -12.69 9.52
CA PRO A 363 -12.89 -12.10 8.82
C PRO A 363 -14.19 -12.20 9.62
N GLU A 364 -14.37 -13.26 10.39
CA GLU A 364 -15.60 -13.44 11.19
C GLU A 364 -15.86 -12.26 12.11
N LEU A 365 -14.83 -11.46 12.35
CA LEU A 365 -14.96 -10.25 13.14
C LEU A 365 -15.93 -9.26 12.51
N LEU A 366 -15.94 -9.21 11.17
CA LEU A 366 -16.80 -8.27 10.45
C LEU A 366 -18.18 -8.81 10.08
N PHE A 367 -18.46 -10.09 10.30
CA PHE A 367 -19.79 -10.61 9.95
C PHE A 367 -20.90 -9.91 10.74
N GLY A 368 -20.60 -9.33 11.89
CA GLY A 368 -21.62 -8.58 12.61
C GLY A 368 -21.96 -7.24 11.93
N ALA A 369 -20.96 -6.70 11.24
CA ALA A 369 -20.93 -5.32 10.78
C ALA A 369 -21.56 -5.11 9.41
N GLN A 370 -21.51 -3.87 8.92
CA GLN A 370 -21.99 -3.51 7.60
C GLN A 370 -20.80 -3.06 6.81
N PHE A 371 -20.42 -3.94 5.90
CA PHE A 371 -19.17 -3.86 5.26
C PHE A 371 -19.45 -4.32 3.88
N GLN A 372 -18.83 -3.65 2.91
CA GLN A 372 -18.96 -4.08 1.54
C GLN A 372 -17.72 -4.86 1.21
N TYR A 373 -17.91 -6.06 0.71
CA TYR A 373 -16.79 -6.91 0.35
C TYR A 373 -16.30 -6.60 -1.07
N ARG A 374 -15.98 -5.32 -1.33
CA ARG A 374 -15.36 -4.93 -2.61
C ARG A 374 -14.30 -3.87 -2.45
N ASN A 375 -13.29 -3.90 -3.30
CA ASN A 375 -12.24 -2.87 -3.23
C ASN A 375 -11.87 -2.24 -4.55
N ARG A 376 -11.61 -0.93 -4.49
CA ARG A 376 -11.16 -0.17 -5.64
C ARG A 376 -10.03 0.79 -5.30
N ILE A 377 -8.84 0.52 -5.83
CA ILE A 377 -7.63 1.27 -5.53
C ILE A 377 -7.70 2.75 -5.88
N ALA A 378 -7.49 3.60 -4.88
CA ALA A 378 -7.49 5.05 -5.08
C ALA A 378 -6.13 5.57 -5.51
N MET A 379 -6.14 6.68 -6.24
CA MET A 379 -4.91 7.35 -6.64
C MET A 379 -4.12 7.89 -5.44
N GLU A 380 -4.82 8.51 -4.49
CA GLU A 380 -4.12 9.07 -3.33
C GLU A 380 -3.34 7.97 -2.62
N PHE A 381 -3.94 6.78 -2.60
CA PHE A 381 -3.27 5.59 -2.08
C PHE A 381 -2.03 5.32 -2.92
N ASN A 382 -2.21 5.31 -4.22
CA ASN A 382 -1.08 5.18 -5.08
C ASN A 382 0.02 6.13 -4.64
N GLN A 383 -0.35 7.41 -4.49
CA GLN A 383 0.58 8.48 -4.14
C GLN A 383 1.25 8.29 -2.79
N LEU A 384 0.53 7.74 -1.82
CA LEU A 384 1.04 7.75 -0.46
C LEU A 384 1.94 6.55 -0.17
N TYR A 385 1.92 5.59 -1.07
CA TYR A 385 2.66 4.35 -0.84
C TYR A 385 4.02 4.37 -1.54
N HIS A 386 4.52 5.57 -1.82
CA HIS A 386 5.82 5.72 -2.46
C HIS A 386 6.94 5.76 -1.46
N TRP A 387 7.20 4.59 -0.88
CA TRP A 387 8.05 4.44 0.30
C TRP A 387 9.55 4.25 0.02
N HIS A 388 9.97 4.79 -1.12
CA HIS A 388 11.38 4.83 -1.51
C HIS A 388 12.34 5.16 -0.38
N PRO A 389 12.02 6.17 0.47
CA PRO A 389 12.92 6.42 1.57
C PRO A 389 13.39 5.16 2.31
N LEU A 390 12.59 4.10 2.34
CA LEU A 390 13.02 2.83 2.96
C LEU A 390 14.35 2.36 2.40
N MET A 391 14.55 2.58 1.10
CA MET A 391 15.70 2.04 0.40
C MET A 391 17.02 2.64 0.92
N PRO A 392 18.03 1.78 1.14
CA PRO A 392 19.30 2.10 1.78
C PRO A 392 20.31 2.77 0.84
N ASP A 393 21.56 2.90 1.31
CA ASP A 393 22.64 3.48 0.51
C ASP A 393 23.30 2.47 -0.44
N SER A 394 23.26 1.20 -0.03
CA SER A 394 23.90 0.11 -0.75
C SER A 394 23.28 -1.18 -0.22
N PHE A 395 23.65 -2.31 -0.79
CA PHE A 395 23.04 -3.56 -0.38
C PHE A 395 24.09 -4.53 0.12
N ARG A 396 24.00 -4.87 1.41
CA ARG A 396 24.97 -5.74 2.05
C ARG A 396 24.50 -7.19 2.02
N VAL A 397 25.34 -8.08 1.50
CA VAL A 397 25.06 -9.51 1.47
C VAL A 397 26.22 -10.21 2.16
N GLY A 398 26.11 -10.38 3.48
CA GLY A 398 27.23 -10.85 4.29
C GLY A 398 28.44 -9.96 4.07
N PRO A 399 29.58 -10.56 3.68
CA PRO A 399 30.83 -9.78 3.41
C PRO A 399 30.73 -8.79 2.23
N GLN A 400 30.08 -9.23 1.15
CA GLN A 400 29.92 -8.40 -0.04
C GLN A 400 29.06 -7.16 0.25
N ASP A 401 29.35 -6.07 -0.47
CA ASP A 401 28.55 -4.83 -0.39
C ASP A 401 28.31 -4.26 -1.79
N TYR A 402 27.06 -4.36 -2.25
CA TYR A 402 26.71 -4.02 -3.65
C TYR A 402 26.17 -2.60 -3.83
N SER A 403 26.78 -1.87 -4.76
CA SER A 403 26.33 -0.54 -5.16
C SER A 403 24.95 -0.67 -5.77
N TYR A 404 24.24 0.45 -5.87
CA TYR A 404 23.00 0.50 -6.63
C TYR A 404 23.29 0.05 -8.07
N GLU A 405 24.31 0.66 -8.66
CA GLU A 405 24.83 0.27 -9.97
C GLU A 405 24.96 -1.25 -10.09
N GLN A 406 25.44 -1.89 -9.03
CA GLN A 406 25.64 -3.33 -9.02
C GLN A 406 24.38 -4.16 -8.76
N PHE A 407 23.39 -3.53 -8.16
CA PHE A 407 22.23 -4.25 -7.65
C PHE A 407 21.08 -4.20 -8.63
N LEU A 408 20.75 -3.00 -9.10
CA LEU A 408 19.69 -2.82 -10.09
C LEU A 408 19.99 -3.70 -11.28
N PHE A 409 18.95 -4.38 -11.76
CA PHE A 409 19.02 -5.19 -12.99
C PHE A 409 19.88 -6.46 -12.89
N ASN A 410 20.49 -6.72 -11.73
CA ASN A 410 21.38 -7.86 -11.60
C ASN A 410 20.69 -9.19 -11.90
N THR A 411 20.90 -9.63 -13.14
CA THR A 411 20.26 -10.80 -13.71
C THR A 411 20.67 -12.09 -13.00
N SER A 412 21.84 -12.08 -12.39
CA SER A 412 22.42 -13.29 -11.80
C SER A 412 22.36 -13.34 -10.28
N MET A 413 22.28 -12.18 -9.63
CA MET A 413 22.39 -12.11 -8.17
C MET A 413 21.49 -13.08 -7.40
N LEU A 414 20.26 -13.28 -7.86
CA LEU A 414 19.36 -14.20 -7.18
C LEU A 414 19.89 -15.63 -7.17
N VAL A 415 20.23 -16.10 -8.36
CA VAL A 415 20.63 -17.47 -8.60
C VAL A 415 22.06 -17.78 -8.17
N ASP A 416 22.91 -16.76 -8.10
CA ASP A 416 24.25 -16.97 -7.58
C ASP A 416 24.21 -17.17 -6.06
N TYR A 417 23.36 -16.41 -5.38
CA TYR A 417 23.34 -16.39 -3.90
C TYR A 417 22.42 -17.40 -3.23
N GLY A 418 21.27 -17.68 -3.82
CA GLY A 418 20.34 -18.62 -3.23
C GLY A 418 19.47 -17.94 -2.21
N VAL A 419 18.16 -18.07 -2.42
CA VAL A 419 17.11 -17.44 -1.63
C VAL A 419 17.37 -17.37 -0.11
N GLU A 420 17.81 -18.48 0.50
CA GLU A 420 18.14 -18.51 1.94
C GLU A 420 19.12 -17.40 2.29
N ALA A 421 20.20 -17.31 1.53
CA ALA A 421 21.27 -16.37 1.80
C ALA A 421 20.84 -14.95 1.50
N LEU A 422 19.83 -14.80 0.65
CA LEU A 422 19.36 -13.46 0.31
C LEU A 422 18.31 -12.99 1.28
N VAL A 423 17.43 -13.90 1.68
CA VAL A 423 16.51 -13.62 2.76
C VAL A 423 17.32 -13.25 4.01
N ASP A 424 18.26 -14.09 4.38
CA ASP A 424 19.11 -13.78 5.52
C ASP A 424 19.65 -12.35 5.38
N ALA A 425 20.11 -12.02 4.19
CA ALA A 425 20.74 -10.72 3.95
C ALA A 425 19.81 -9.55 4.18
N PHE A 426 18.66 -9.55 3.49
CA PHE A 426 17.70 -8.46 3.63
C PHE A 426 17.15 -8.36 5.03
N SER A 427 16.96 -9.50 5.69
CA SER A 427 16.40 -9.52 7.05
C SER A 427 17.29 -8.77 8.04
N ARG A 428 18.55 -8.59 7.68
CA ARG A 428 19.54 -8.04 8.60
C ARG A 428 19.90 -6.60 8.32
N GLN A 429 19.50 -6.08 7.16
CA GLN A 429 19.87 -4.71 6.81
C GLN A 429 18.70 -3.76 7.02
N PRO A 430 18.94 -2.61 7.68
CA PRO A 430 17.93 -1.61 8.07
C PRO A 430 17.07 -1.03 6.92
N ALA A 431 16.60 0.22 7.07
CA ALA A 431 15.72 0.88 6.09
C ALA A 431 15.37 2.27 6.57
N GLY A 432 15.10 3.20 5.65
CA GLY A 432 14.90 4.60 6.01
C GLY A 432 13.64 4.92 6.80
N ARG A 433 13.76 5.71 7.86
CA ARG A 433 12.57 6.33 8.44
C ARG A 433 11.83 6.97 7.27
N ILE A 434 10.67 6.45 6.93
CA ILE A 434 9.94 6.94 5.77
C ILE A 434 9.64 8.43 5.82
N GLY A 435 8.95 8.89 6.87
CA GLY A 435 8.59 10.30 7.03
C GLY A 435 9.72 11.07 7.67
N GLY A 436 9.49 12.34 7.97
CA GLY A 436 10.51 13.18 8.63
C GLY A 436 11.41 13.97 7.68
N GLY A 437 11.54 13.47 6.45
CA GLY A 437 12.21 14.19 5.38
C GLY A 437 13.67 13.82 5.14
N ARG A 438 14.22 14.34 4.04
CA ARG A 438 15.65 14.24 3.71
C ARG A 438 16.20 12.81 3.80
N ASN A 439 15.57 11.87 3.09
CA ASN A 439 15.87 10.48 3.32
C ASN A 439 15.72 9.51 2.12
N ILE A 440 15.47 10.05 0.93
CA ILE A 440 15.58 9.26 -0.30
C ILE A 440 17.01 9.31 -0.87
N ASP A 441 17.58 8.14 -1.12
CA ASP A 441 18.90 8.06 -1.73
C ASP A 441 18.84 8.66 -3.14
N HIS A 442 19.89 9.36 -3.54
CA HIS A 442 19.89 10.14 -4.77
C HIS A 442 19.59 9.34 -6.03
N HIS A 443 19.80 8.03 -5.98
CA HIS A 443 19.55 7.23 -7.18
C HIS A 443 18.06 7.29 -7.53
N ILE A 444 17.21 7.00 -6.55
CA ILE A 444 15.78 6.87 -6.82
C ILE A 444 14.98 8.19 -6.65
N LEU A 445 15.69 9.29 -6.40
CA LEU A 445 15.05 10.59 -6.10
C LEU A 445 14.09 11.09 -7.17
N HIS A 446 14.38 10.78 -8.43
CA HIS A 446 13.56 11.22 -9.57
C HIS A 446 12.15 10.63 -9.54
N VAL A 447 12.01 9.46 -8.89
CA VAL A 447 10.70 8.83 -8.75
C VAL A 447 9.82 9.75 -7.93
N ALA A 448 10.33 10.16 -6.77
CA ALA A 448 9.68 11.14 -5.88
C ALA A 448 9.36 12.45 -6.60
N VAL A 449 10.24 12.84 -7.53
CA VAL A 449 10.00 14.01 -8.38
C VAL A 449 8.79 13.77 -9.29
N ASP A 450 8.78 12.64 -10.01
CA ASP A 450 7.66 12.29 -10.89
C ASP A 450 6.33 12.21 -10.14
N VAL A 451 6.36 11.66 -8.93
CA VAL A 451 5.18 11.59 -8.06
C VAL A 451 4.58 12.98 -7.83
N ILE A 452 5.44 13.95 -7.52
CA ILE A 452 5.00 15.34 -7.37
C ILE A 452 4.50 15.88 -8.71
N LYS A 453 5.16 15.49 -9.80
CA LYS A 453 4.75 15.92 -11.12
C LYS A 453 3.34 15.41 -11.46
N GLU A 454 3.09 14.12 -11.25
CA GLU A 454 1.75 13.58 -11.54
C GLU A 454 0.70 14.03 -10.55
N SER A 455 1.10 14.20 -9.29
CA SER A 455 0.24 14.85 -8.31
C SER A 455 -0.38 16.09 -8.97
N ARG A 456 0.47 16.88 -9.64
CA ARG A 456 0.06 18.12 -10.29
C ARG A 456 -0.77 17.87 -11.54
N VAL A 457 -0.50 16.75 -12.20
CA VAL A 457 -1.29 16.32 -13.36
C VAL A 457 -2.71 15.89 -12.92
N LEU A 458 -2.80 15.18 -11.79
CA LEU A 458 -4.08 14.65 -11.31
C LEU A 458 -4.95 15.69 -10.61
N ARG A 459 -4.42 16.90 -10.46
CA ARG A 459 -5.10 18.00 -9.74
C ARG A 459 -5.53 17.59 -8.33
N LEU A 460 -4.63 16.94 -7.59
CA LEU A 460 -4.89 16.56 -6.20
C LEU A 460 -5.05 17.77 -5.31
N GLN A 461 -6.09 17.78 -4.50
CA GLN A 461 -6.38 18.88 -3.58
C GLN A 461 -5.24 19.14 -2.58
N PRO A 462 -5.23 20.33 -1.95
CA PRO A 462 -4.26 20.62 -0.88
C PRO A 462 -4.21 19.61 0.25
N PHE A 463 -2.98 19.31 0.68
CA PHE A 463 -2.71 18.48 1.83
C PHE A 463 -3.71 18.74 2.92
N ASN A 464 -3.85 20.01 3.33
CA ASN A 464 -4.71 20.32 4.46
C ASN A 464 -6.18 19.93 4.26
N GLU A 465 -6.59 19.84 3.01
CA GLU A 465 -7.94 19.40 2.72
C GLU A 465 -8.06 17.90 2.96
N TYR A 466 -7.01 17.16 2.65
CA TYR A 466 -6.98 15.74 2.93
C TYR A 466 -6.95 15.48 4.46
N ARG A 467 -6.13 16.24 5.18
CA ARG A 467 -6.19 16.21 6.64
C ARG A 467 -7.65 16.29 7.13
N LYS A 468 -8.40 17.24 6.58
CA LYS A 468 -9.77 17.39 7.01
C LYS A 468 -10.57 16.14 6.70
N ARG A 469 -10.51 15.67 5.45
CA ARG A 469 -11.32 14.54 5.03
C ARG A 469 -11.03 13.24 5.78
N PHE A 470 -9.81 13.13 6.31
CA PHE A 470 -9.48 11.97 7.13
C PHE A 470 -9.56 12.27 8.63
N GLY A 471 -10.41 13.22 8.98
CA GLY A 471 -10.76 13.46 10.37
C GLY A 471 -9.86 14.39 11.14
N MET A 472 -8.68 14.69 10.60
CA MET A 472 -7.74 15.53 11.33
C MET A 472 -8.05 17.04 11.20
N LYS A 473 -7.35 17.83 12.01
CA LYS A 473 -7.42 19.27 11.93
C LYS A 473 -6.31 19.75 10.99
N PRO A 474 -6.62 20.74 10.12
CA PRO A 474 -5.62 21.24 9.21
C PRO A 474 -4.53 22.00 9.95
N TYR A 475 -3.32 21.98 9.40
CA TYR A 475 -2.21 22.71 9.97
C TYR A 475 -2.31 24.21 9.71
N THR A 476 -1.84 25.00 10.67
CA THR A 476 -1.96 26.46 10.61
C THR A 476 -0.62 27.11 10.30
N SER A 477 0.46 26.34 10.43
CA SER A 477 1.79 26.80 10.06
C SER A 477 2.64 25.68 9.50
N PHE A 478 3.68 26.04 8.76
CA PHE A 478 4.72 25.09 8.38
C PHE A 478 5.53 24.66 9.61
N GLN A 479 5.78 25.59 10.52
CA GLN A 479 6.44 25.28 11.77
C GLN A 479 5.67 24.19 12.54
N GLU A 480 4.35 24.24 12.45
CA GLU A 480 3.49 23.24 13.06
C GLU A 480 3.54 21.90 12.33
N LEU A 481 3.73 21.93 11.01
CA LEU A 481 3.82 20.71 10.20
C LEU A 481 5.03 19.86 10.58
N THR A 482 6.23 20.42 10.38
CA THR A 482 7.43 19.77 10.86
C THR A 482 8.06 20.69 11.87
N GLY A 483 8.06 20.23 13.12
CA GLY A 483 8.45 21.06 14.25
C GLY A 483 9.91 21.44 14.21
N GLU A 484 10.27 22.30 13.27
CA GLU A 484 11.65 22.76 13.07
C GLU A 484 11.64 23.98 12.15
N LYS A 485 12.35 25.03 12.56
CA LYS A 485 12.17 26.34 11.94
C LYS A 485 12.76 26.42 10.55
N GLU A 486 13.94 25.81 10.35
CA GLU A 486 14.69 25.91 9.08
C GLU A 486 13.87 25.48 7.85
N MET A 487 13.50 24.21 7.78
CA MET A 487 12.62 23.71 6.72
C MET A 487 11.28 24.42 6.68
N ALA A 488 10.74 24.71 7.86
CA ALA A 488 9.47 25.41 7.98
C ALA A 488 9.47 26.74 7.21
N ALA A 489 10.35 27.66 7.61
CA ALA A 489 10.39 28.98 6.99
C ALA A 489 10.76 28.92 5.50
N GLU A 490 11.64 27.98 5.15
CA GLU A 490 12.06 27.75 3.76
C GLU A 490 10.92 27.20 2.88
N LEU A 491 10.13 26.26 3.41
CA LEU A 491 8.91 25.78 2.75
C LEU A 491 7.92 26.93 2.61
N GLU A 492 7.66 27.58 3.74
CA GLU A 492 6.76 28.72 3.85
C GLU A 492 7.02 29.73 2.76
N GLU A 493 8.30 30.01 2.50
CA GLU A 493 8.69 30.95 1.48
C GLU A 493 8.39 30.39 0.10
N LEU A 494 8.69 29.11 -0.10
CA LEU A 494 8.47 28.43 -1.37
C LEU A 494 7.01 28.28 -1.79
N TYR A 495 6.15 27.94 -0.82
CA TYR A 495 4.74 27.64 -1.08
C TYR A 495 3.85 28.81 -0.77
N GLY A 496 4.34 29.73 0.06
CA GLY A 496 3.61 30.95 0.39
C GLY A 496 2.54 30.76 1.44
N ASP A 497 2.00 29.55 1.51
CA ASP A 497 0.85 29.25 2.34
C ASP A 497 0.77 27.76 2.64
N ILE A 498 0.48 27.44 3.90
CA ILE A 498 0.32 26.05 4.35
C ILE A 498 -0.85 25.35 3.66
N ASP A 499 -1.94 26.08 3.44
CA ASP A 499 -3.10 25.55 2.72
C ASP A 499 -2.74 25.07 1.32
N ALA A 500 -1.74 25.70 0.71
CA ALA A 500 -1.36 25.39 -0.65
C ALA A 500 -0.31 24.27 -0.69
N LEU A 501 0.21 23.89 0.48
CA LEU A 501 1.14 22.77 0.55
C LEU A 501 0.52 21.53 -0.10
N GLU A 502 1.28 20.92 -1.00
CA GLU A 502 0.86 19.76 -1.77
C GLU A 502 0.74 18.51 -0.90
N PHE A 503 0.18 17.46 -1.50
CA PHE A 503 -0.14 16.22 -0.80
C PHE A 503 1.10 15.37 -0.50
N TYR A 504 1.88 15.04 -1.53
CA TYR A 504 3.03 14.16 -1.36
C TYR A 504 4.13 14.77 -0.49
N PRO A 505 4.54 16.01 -0.79
CA PRO A 505 5.44 16.73 0.12
C PRO A 505 4.94 16.69 1.56
N GLY A 506 3.66 16.99 1.73
CA GLY A 506 3.04 17.01 3.06
C GLY A 506 3.33 15.74 3.83
N LEU A 507 3.15 14.61 3.15
CA LEU A 507 3.26 13.32 3.80
C LEU A 507 4.66 13.01 4.25
N LEU A 508 5.66 13.40 3.46
CA LEU A 508 7.03 12.99 3.76
C LEU A 508 7.82 14.01 4.55
N LEU A 509 7.22 15.16 4.78
CA LEU A 509 7.94 16.22 5.45
C LEU A 509 7.46 16.41 6.85
N GLU A 510 6.23 15.98 7.09
CA GLU A 510 5.59 16.06 8.39
C GLU A 510 6.47 15.39 9.44
N LYS A 511 6.54 15.99 10.62
CA LYS A 511 7.18 15.36 11.77
C LYS A 511 6.59 13.97 12.11
N CYS A 512 7.45 13.08 12.60
CA CYS A 512 7.02 11.77 13.08
C CYS A 512 6.56 11.83 14.54
N HIS A 513 5.70 10.89 14.92
CA HIS A 513 5.49 10.66 16.33
C HIS A 513 6.87 10.25 16.87
N PRO A 514 7.03 10.20 18.21
CA PRO A 514 8.29 9.73 18.80
C PRO A 514 8.59 8.30 18.40
N ASN A 515 9.75 8.12 17.76
CA ASN A 515 10.25 6.81 17.38
C ASN A 515 9.30 6.00 16.53
N SER A 516 8.83 6.65 15.46
CA SER A 516 7.95 6.04 14.50
C SER A 516 8.58 6.06 13.12
N ILE A 517 8.10 5.20 12.25
CA ILE A 517 8.57 5.18 10.89
C ILE A 517 8.02 6.37 10.09
N PHE A 518 6.83 6.84 10.45
CA PHE A 518 6.23 8.03 9.84
C PHE A 518 5.27 8.78 10.76
N GLY A 519 4.79 9.92 10.27
CA GLY A 519 3.96 10.80 11.09
C GLY A 519 2.46 10.58 11.03
N GLU A 520 1.76 11.44 11.76
CA GLU A 520 0.32 11.37 11.95
C GLU A 520 -0.50 11.16 10.68
N SER A 521 -0.16 11.88 9.62
CA SER A 521 -1.02 11.93 8.45
C SER A 521 -0.91 10.71 7.61
N MET A 522 0.26 10.07 7.68
CA MET A 522 0.49 8.84 6.95
C MET A 522 -0.36 7.71 7.52
N ILE A 523 -0.39 7.59 8.85
CA ILE A 523 -1.12 6.51 9.50
C ILE A 523 -2.57 6.66 9.14
N GLU A 524 -3.10 7.85 9.40
CA GLU A 524 -4.54 8.08 9.39
C GLU A 524 -5.16 8.05 7.99
N MET A 525 -4.34 8.30 6.97
CA MET A 525 -4.77 8.23 5.57
C MET A 525 -4.39 6.88 5.01
N GLY A 526 -3.36 6.27 5.58
CA GLY A 526 -2.87 4.98 5.10
C GLY A 526 -3.74 3.81 5.53
N ALA A 527 -4.19 3.87 6.78
CA ALA A 527 -4.89 2.78 7.43
C ALA A 527 -6.14 2.36 6.68
N PRO A 528 -7.09 3.30 6.55
CA PRO A 528 -8.36 3.06 5.91
C PRO A 528 -8.21 2.41 4.54
N PHE A 529 -7.26 2.89 3.74
CA PHE A 529 -7.01 2.28 2.44
C PHE A 529 -6.50 0.86 2.56
N SER A 530 -5.45 0.68 3.35
CA SER A 530 -4.91 -0.65 3.60
C SER A 530 -5.92 -1.68 4.13
N LEU A 531 -6.74 -1.31 5.12
CA LEU A 531 -7.64 -2.28 5.70
C LEU A 531 -8.76 -2.62 4.74
N LYS A 532 -9.28 -1.59 4.06
CA LYS A 532 -10.34 -1.78 3.05
C LYS A 532 -9.84 -2.64 1.88
N GLY A 533 -8.55 -2.50 1.55
CA GLY A 533 -7.91 -3.32 0.56
C GLY A 533 -7.89 -4.75 1.04
N LEU A 534 -7.57 -4.94 2.32
CA LEU A 534 -7.36 -6.29 2.80
C LEU A 534 -8.68 -6.98 3.07
N LEU A 535 -9.55 -6.37 3.87
CA LEU A 535 -10.78 -7.04 4.29
C LEU A 535 -11.92 -6.96 3.28
N GLY A 536 -11.87 -5.98 2.39
CA GLY A 536 -12.86 -5.88 1.30
C GLY A 536 -12.77 -6.97 0.23
N ASN A 537 -11.71 -7.78 0.30
CA ASN A 537 -11.50 -8.95 -0.54
C ASN A 537 -12.66 -9.96 -0.38
N PRO A 538 -13.17 -10.51 -1.51
CA PRO A 538 -14.30 -11.40 -1.46
C PRO A 538 -14.05 -12.62 -0.60
N ILE A 539 -12.81 -13.09 -0.49
CA ILE A 539 -12.58 -14.31 0.29
C ILE A 539 -12.84 -14.08 1.78
N CYS A 540 -12.84 -12.81 2.19
CA CYS A 540 -13.22 -12.47 3.57
C CYS A 540 -14.71 -12.58 3.80
N SER A 541 -15.48 -12.64 2.71
CA SER A 541 -16.92 -12.63 2.81
C SER A 541 -17.42 -13.89 3.52
N PRO A 542 -18.53 -13.77 4.29
CA PRO A 542 -19.30 -14.92 4.75
C PRO A 542 -19.50 -15.96 3.67
N GLU A 543 -19.89 -15.50 2.48
CA GLU A 543 -20.07 -16.39 1.34
C GLU A 543 -18.81 -17.18 0.94
N TYR A 544 -17.63 -16.58 1.06
CA TYR A 544 -16.40 -17.26 0.67
C TYR A 544 -15.63 -17.96 1.77
N TRP A 545 -15.67 -17.40 2.97
CA TRP A 545 -14.76 -17.79 4.04
C TRP A 545 -15.16 -19.11 4.73
N LYS A 546 -14.99 -20.21 4.00
CA LYS A 546 -15.35 -21.58 4.42
C LYS A 546 -14.20 -22.53 4.11
N ALA A 547 -14.12 -23.62 4.86
CA ALA A 547 -13.13 -24.67 4.61
C ALA A 547 -13.27 -25.17 3.19
N SER A 548 -14.50 -25.35 2.74
CA SER A 548 -14.74 -25.83 1.37
C SER A 548 -13.88 -25.03 0.37
N THR A 549 -13.92 -23.71 0.48
CA THR A 549 -13.39 -22.79 -0.53
C THR A 549 -11.89 -22.93 -0.75
N PHE A 550 -11.19 -23.42 0.26
CA PHE A 550 -9.77 -23.66 0.19
C PHE A 550 -9.55 -25.17 0.21
N GLY A 551 -10.51 -25.90 -0.32
CA GLY A 551 -10.48 -27.36 -0.35
C GLY A 551 -10.27 -28.08 0.97
N GLY A 552 -10.99 -27.68 2.02
CA GLY A 552 -10.98 -28.43 3.28
C GLY A 552 -10.02 -27.94 4.36
N GLU A 553 -9.93 -28.70 5.44
CA GLU A 553 -9.28 -28.22 6.67
C GLU A 553 -7.81 -27.93 6.50
N VAL A 554 -7.15 -28.75 5.68
CA VAL A 554 -5.71 -28.56 5.43
C VAL A 554 -5.52 -27.26 4.72
N GLY A 555 -6.47 -26.90 3.88
CA GLY A 555 -6.40 -25.64 3.17
C GLY A 555 -6.67 -24.55 4.16
N PHE A 556 -7.79 -24.67 4.83
CA PHE A 556 -8.22 -23.63 5.74
C PHE A 556 -7.17 -23.29 6.80
N ASN A 557 -6.57 -24.31 7.42
CA ASN A 557 -5.53 -24.09 8.42
C ASN A 557 -4.21 -23.57 7.84
N LEU A 558 -3.98 -23.80 6.55
CA LEU A 558 -2.83 -23.19 5.93
C LEU A 558 -2.95 -21.68 5.96
N VAL A 559 -4.13 -21.17 5.66
CA VAL A 559 -4.39 -19.75 5.75
C VAL A 559 -4.26 -19.24 7.19
N LYS A 560 -5.02 -19.85 8.09
CA LYS A 560 -5.01 -19.46 9.50
C LYS A 560 -3.64 -19.53 10.22
N THR A 561 -2.82 -20.52 9.93
CA THR A 561 -1.51 -20.60 10.61
C THR A 561 -0.33 -20.00 9.80
N ALA A 562 -0.62 -19.14 8.82
CA ALA A 562 0.38 -18.52 7.93
C ALA A 562 1.37 -17.61 8.68
N THR A 563 2.58 -17.46 8.12
CA THR A 563 3.76 -16.90 8.80
C THR A 563 4.87 -16.60 7.80
N LEU A 564 5.52 -15.44 7.93
CA LEU A 564 6.62 -15.12 7.01
C LEU A 564 7.64 -16.25 7.05
N LYS A 565 8.00 -16.63 8.27
CA LYS A 565 8.93 -17.73 8.54
C LYS A 565 8.53 -19.09 7.95
N LYS A 566 7.24 -19.33 7.78
CA LYS A 566 6.77 -20.57 7.19
C LYS A 566 6.85 -20.45 5.68
N LEU A 567 6.41 -19.31 5.19
CA LEU A 567 6.39 -19.05 3.76
C LEU A 567 7.81 -19.15 3.22
N VAL A 568 8.79 -18.92 4.09
CA VAL A 568 10.17 -19.10 3.69
C VAL A 568 10.64 -20.54 3.89
N CYS A 569 10.69 -20.99 5.13
CA CYS A 569 11.42 -22.23 5.47
C CYS A 569 10.82 -23.52 4.93
N LEU A 570 9.51 -23.51 4.72
CA LEU A 570 8.83 -24.67 4.18
C LEU A 570 9.19 -24.89 2.72
N ASN A 571 9.74 -23.85 2.09
CA ASN A 571 10.07 -23.89 0.67
C ASN A 571 11.58 -23.89 0.38
N THR A 572 12.39 -23.92 1.45
CA THR A 572 13.86 -23.93 1.35
C THR A 572 14.45 -25.22 1.92
N LYS A 573 15.70 -25.52 1.58
CA LYS A 573 16.39 -26.65 2.17
C LYS A 573 16.88 -26.25 3.56
N THR A 574 17.23 -24.98 3.69
CA THR A 574 17.79 -24.43 4.91
C THR A 574 16.88 -23.32 5.40
N CYS A 575 16.87 -23.08 6.70
CA CYS A 575 16.06 -21.99 7.20
C CYS A 575 16.93 -20.93 7.86
N PRO A 576 16.96 -19.73 7.28
CA PRO A 576 17.81 -18.64 7.69
C PRO A 576 17.07 -17.64 8.58
N TYR A 577 17.70 -16.50 8.83
CA TYR A 577 17.01 -15.43 9.49
C TYR A 577 16.03 -14.79 8.53
N VAL A 578 14.79 -14.72 8.99
CA VAL A 578 13.64 -14.28 8.21
C VAL A 578 12.73 -13.54 9.16
N SER A 579 12.56 -12.24 8.90
CA SER A 579 11.80 -11.33 9.78
C SER A 579 11.64 -9.95 9.17
N PHE A 580 10.61 -9.24 9.60
CA PHE A 580 10.39 -7.87 9.16
C PHE A 580 11.18 -6.83 9.96
N HIS A 581 11.96 -7.32 10.92
CA HIS A 581 12.85 -6.46 11.65
C HIS A 581 14.22 -7.09 11.74
N VAL A 582 15.24 -6.23 11.85
CA VAL A 582 16.61 -6.62 12.02
C VAL A 582 16.74 -7.28 13.39
N PRO A 583 17.64 -8.27 13.57
CA PRO A 583 17.83 -8.87 14.89
C PRO A 583 18.18 -7.84 15.99
N ASP A 584 18.20 -8.31 17.25
CA ASP A 584 18.22 -7.48 18.50
C ASP A 584 17.98 -5.93 18.43
C1 NAG B . -19.61 28.72 3.98
C2 NAG B . -20.14 29.96 4.72
C3 NAG B . -20.03 31.26 3.93
C4 NAG B . -18.67 31.36 3.20
C5 NAG B . -18.47 30.07 2.39
C6 NAG B . -17.29 30.13 1.43
C7 NAG B . -22.08 30.36 6.16
C8 NAG B . -23.42 31.03 5.94
N2 NAG B . -21.54 29.78 5.09
O3 NAG B . -20.21 32.36 4.80
O4 NAG B . -18.60 32.55 2.42
O5 NAG B . -18.39 29.01 3.32
O6 NAG B . -16.11 29.59 2.00
O7 NAG B . -21.56 30.36 7.27
C1 NAG B . -17.60 33.39 3.04
C2 NAG B . -16.96 34.41 2.09
C3 NAG B . -16.04 35.40 2.85
C4 NAG B . -15.97 35.30 4.40
C5 NAG B . -16.91 34.27 5.05
C6 NAG B . -17.32 34.67 6.48
C7 NAG B . -16.73 33.33 -0.13
C8 NAG B . -15.79 32.61 -1.04
N2 NAG B . -16.22 33.69 1.05
O3 NAG B . -16.40 36.71 2.46
O4 NAG B . -14.64 35.04 4.84
O5 NAG B . -18.03 34.07 4.21
O6 NAG B . -18.71 34.90 6.57
O7 NAG B . -17.89 33.54 -0.50
C1 NAG C . -12.54 3.46 -19.68
C2 NAG C . -12.71 2.54 -20.89
C3 NAG C . -11.70 2.83 -22.01
C4 NAG C . -11.59 4.31 -22.34
C5 NAG C . -11.39 5.08 -21.03
C6 NAG C . -11.32 6.60 -21.25
C7 NAG C . -13.63 0.29 -20.76
C8 NAG C . -13.31 -1.18 -20.68
N2 NAG C . -12.64 1.14 -20.48
O3 NAG C . -12.10 2.19 -23.19
O4 NAG C . -10.51 4.42 -23.25
O5 NAG C . -12.44 4.81 -20.12
O6 NAG C . -12.62 7.13 -21.34
O7 NAG C . -14.76 0.67 -21.09
C1 NAG C . -10.68 5.34 -24.37
C2 NAG C . -9.42 5.38 -25.25
C3 NAG C . -9.50 6.52 -26.28
C4 NAG C . -10.86 6.66 -27.00
C5 NAG C . -12.05 6.21 -26.12
C6 NAG C . -13.24 5.75 -26.96
C7 NAG C . -8.12 6.26 -23.37
C8 NAG C . -7.49 5.61 -22.17
N2 NAG C . -8.19 5.49 -24.47
O3 NAG C . -8.45 6.38 -27.21
O4 NAG C . -11.07 8.02 -27.39
O5 NAG C . -11.78 5.12 -25.23
O6 NAG C . -13.18 4.35 -27.06
O7 NAG C . -8.54 7.41 -23.31
C1 BMA C . -10.65 8.63 -28.68
C2 BMA C . -10.06 7.73 -29.82
C3 BMA C . -10.75 7.80 -31.19
C4 BMA C . -12.14 8.40 -31.09
C5 BMA C . -11.93 9.78 -30.48
C6 BMA C . -13.11 10.75 -30.64
O2 BMA C . -9.97 6.37 -29.46
O3 BMA C . -10.81 6.51 -31.76
O4 BMA C . -12.79 8.40 -32.35
O5 BMA C . -11.61 9.62 -29.09
O6 BMA C . -13.60 10.78 -31.97
C1 NAG D . 25.74 -8.77 -10.00
C2 NAG D . 27.04 -8.19 -10.56
C3 NAG D . 28.19 -9.22 -10.68
C4 NAG D . 28.31 -10.08 -9.41
C5 NAG D . 26.89 -10.68 -9.22
C6 NAG D . 26.80 -11.84 -8.23
C7 NAG D . 26.39 -6.32 -11.95
C8 NAG D . 25.11 -6.08 -12.70
N2 NAG D . 26.80 -7.59 -11.86
O3 NAG D . 29.39 -8.53 -10.94
O4 NAG D . 29.37 -11.04 -9.51
O5 NAG D . 25.99 -9.62 -8.90
O6 NAG D . 26.25 -11.40 -7.00
O7 NAG D . 27.00 -5.37 -11.44
C1 NAG D . 30.12 -11.23 -8.27
C2 NAG D . 31.25 -12.26 -8.49
C3 NAG D . 32.67 -11.70 -8.25
C4 NAG D . 32.82 -10.88 -6.94
C5 NAG D . 31.50 -10.19 -6.56
C6 NAG D . 31.80 -8.82 -5.96
C7 NAG D . 31.93 -14.46 -7.58
C8 NAG D . 32.46 -14.78 -6.21
N2 NAG D . 31.03 -13.47 -7.68
O3 NAG D . 33.09 -10.91 -9.35
O4 NAG D . 33.31 -11.70 -5.89
O5 NAG D . 30.63 -10.04 -7.68
O6 NAG D . 31.00 -7.83 -6.55
O7 NAG D . 32.33 -15.10 -8.57
C1 BOG E . 0.45 11.98 24.90
O1 BOG E . 0.28 11.93 26.30
C2 BOG E . -0.21 13.26 24.35
O2 BOG E . -1.59 13.23 24.62
C3 BOG E . 0.05 13.39 22.84
O3 BOG E . -0.46 14.61 22.33
C4 BOG E . 1.54 13.29 22.58
O4 BOG E . 1.80 13.38 21.19
C5 BOG E . 2.06 11.97 23.15
O5 BOG E . 1.83 11.95 24.56
C6 BOG E . 3.53 11.68 22.80
O6 BOG E . 4.39 12.51 23.56
C1 BOG F . -8.99 6.24 15.16
O1 BOG F . -8.05 5.29 15.56
C2 BOG F . -8.28 7.56 14.92
O2 BOG F . -7.69 8.01 16.11
C3 BOG F . -9.24 8.59 14.33
O3 BOG F . -8.61 9.85 14.12
C4 BOG F . -9.74 8.05 13.01
O4 BOG F . -10.63 8.95 12.39
C5 BOG F . -10.40 6.69 13.24
O5 BOG F . -9.58 5.78 13.96
C6 BOG F . -10.72 6.06 11.89
O6 BOG F . -9.64 6.21 10.99
C2 IMS G . 0.20 2.01 8.01
C3 IMS G . -0.47 1.90 6.80
C4 IMS G . -1.80 1.50 6.82
C5 IMS G . -2.46 1.22 8.02
C6 IMS G . -0.29 3.09 4.63
C7 IMS G . 0.01 1.78 10.53
C8 IMS G . -1.04 1.40 11.34
C9 IMS G . -3.30 0.79 11.00
O2 IMS G . 0.89 3.52 12.80
C18 IMS G . 1.73 2.93 12.16
N2 IMS G . 3.06 2.87 12.39
C19 IMS G . 3.97 3.43 13.39
C21 IMS G . 4.38 4.79 12.85
C22 IMS G . 3.27 5.81 12.90
C20 IMS G . 3.38 3.53 14.80
O3 IMS G . 4.45 3.47 15.78
C17 IMS G . 1.43 2.15 10.90
C1 IMS G . -0.45 1.74 9.21
C16 IMS G . -1.04 1.31 12.82
N IMS G . -2.06 1.14 10.52
C IMS G . -1.78 1.34 9.23
O IMS G . 0.18 2.16 5.62
O1 IMS G . -4.25 1.56 11.04
C10 IMS G . -3.62 -0.56 11.50
C15 IMS G . -2.70 -1.32 12.19
C14 IMS G . -3.06 -2.57 12.65
C13 IMS G . -4.35 -3.02 12.41
CL IMS G . -4.79 -4.37 12.89
C12 IMS G . -5.26 -2.24 11.72
C11 IMS G . -4.91 -0.99 11.27
CHA HEM H . 7.33 3.81 -8.47
CHB HEM H . 11.98 2.59 -8.27
CHC HEM H . 11.45 0.45 -3.93
CHD HEM H . 6.73 1.44 -4.24
C1A HEM H . 8.62 3.57 -8.84
C2A HEM H . 9.18 3.78 -10.16
C3A HEM H . 10.46 3.43 -10.10
C4A HEM H . 10.76 3.01 -8.74
CMA HEM H . 11.50 3.47 -11.25
CAA HEM H . 8.41 4.26 -11.40
CBA HEM H . 8.62 5.76 -11.60
CGA HEM H . 7.51 6.33 -12.47
O1A HEM H . 7.34 7.57 -12.53
O2A HEM H . 6.78 5.51 -13.11
C1B HEM H . 12.20 1.86 -7.13
C2B HEM H . 13.41 1.14 -6.85
C3B HEM H . 13.28 0.55 -5.66
C4B HEM H . 11.98 0.87 -5.14
CMB HEM H . 14.63 1.08 -7.80
CAB HEM H . 14.32 -0.36 -4.95
CBB HEM H . 15.63 -0.19 -5.09
C1C HEM H . 10.14 0.61 -3.57
C2C HEM H . 9.54 0.40 -2.26
C3C HEM H . 8.22 0.68 -2.36
C4C HEM H . 7.95 1.08 -3.72
CMC HEM H . 10.30 -0.07 -1.01
CAC HEM H . 7.18 0.61 -1.22
CBC HEM H . 6.22 -0.32 -1.20
C1D HEM H . 6.45 2.06 -5.43
C2D HEM H . 5.12 2.27 -5.96
C3D HEM H . 5.29 3.02 -7.28
C4D HEM H . 6.72 3.18 -7.42
CMD HEM H . 3.80 1.82 -5.29
CAD HEM H . 4.21 3.50 -8.28
CBD HEM H . 3.67 2.32 -9.07
CGD HEM H . 2.60 2.69 -10.07
O1D HEM H . 2.26 1.78 -10.87
O2D HEM H . 2.07 3.84 -10.10
NA HEM H . 9.61 3.11 -7.99
NB HEM H . 11.34 1.68 -6.07
NC HEM H . 9.13 1.03 -4.43
ND HEM H . 7.37 2.61 -6.33
FE HEM H . 9.46 2.27 -6.00
#